data_2H7E
#
_entry.id   2H7E
#
loop_
_entity.id
_entity.type
_entity.pdbx_description
1 polymer Talin-1
2 polymer 'Chimera of 24-mer peptide from Integrin beta-3 and 10-mer peptide from Phosphatidylinositol-4-phosphate 5-kinase type-1 gamma'
#
loop_
_entity_poly.entity_id
_entity_poly.type
_entity_poly.pdbx_seq_one_letter_code
_entity_poly.pdbx_strand_id
1 'polypeptide(L)'
;PLGSGVSFFLVKEKMKGKNKLVPRLLGITKESVMRVDEKTKEVIQEWSLTNIKRWAASPKSFTLDFGDYQDGYYSVQTTE
GEQIAQLIAGYIDIILKKKKS
;
A
2 'polypeptide(L)' KLLITIHDRKEFAKFEEERARAKWV(PTR)SPLHYSAR B
#
# COMPACT_ATOMS: atom_id res chain seq x y z
N PRO A 1 9.93 24.47 -4.31
CA PRO A 1 9.05 23.37 -3.86
C PRO A 1 9.70 22.01 -4.05
N LEU A 2 9.47 21.11 -3.09
CA LEU A 2 10.04 19.76 -3.15
C LEU A 2 9.01 18.79 -3.71
N GLY A 3 9.34 18.17 -4.85
CA GLY A 3 8.43 17.22 -5.47
C GLY A 3 8.70 17.05 -6.96
N SER A 4 9.88 16.53 -7.28
CA SER A 4 10.27 16.31 -8.67
C SER A 4 10.60 14.84 -8.91
N GLY A 5 9.56 14.04 -9.15
CA GLY A 5 9.74 12.62 -9.39
C GLY A 5 9.01 11.76 -8.36
N VAL A 6 7.71 11.94 -8.26
CA VAL A 6 6.89 11.17 -7.32
C VAL A 6 6.21 10.00 -8.02
N SER A 7 6.39 8.80 -7.47
CA SER A 7 5.78 7.60 -8.04
C SER A 7 4.33 7.46 -7.62
N PHE A 8 3.42 7.59 -8.58
CA PHE A 8 1.99 7.48 -8.31
C PHE A 8 1.42 6.18 -8.87
N PHE A 9 0.67 5.45 -8.05
CA PHE A 9 0.08 4.19 -8.45
C PHE A 9 -1.44 4.23 -8.33
N LEU A 10 -2.13 3.65 -9.32
CA LEU A 10 -3.59 3.61 -9.32
C LEU A 10 -4.09 2.38 -8.58
N VAL A 11 -4.68 2.60 -7.41
CA VAL A 11 -5.21 1.50 -6.60
C VAL A 11 -6.67 1.73 -6.23
N LYS A 12 -7.36 0.67 -5.85
CA LYS A 12 -8.76 0.73 -5.45
C LYS A 12 -8.91 0.46 -3.96
N GLU A 13 -9.60 1.37 -3.27
CA GLU A 13 -9.82 1.24 -1.83
C GLU A 13 -11.27 0.89 -1.52
N LYS A 14 -11.47 -0.12 -0.68
CA LYS A 14 -12.81 -0.55 -0.31
C LYS A 14 -13.43 0.37 0.73
N MET A 15 -14.72 0.67 0.57
CA MET A 15 -15.43 1.55 1.49
C MET A 15 -16.00 0.78 2.69
N LYS A 16 -16.31 1.53 3.75
CA LYS A 16 -16.88 0.95 4.96
C LYS A 16 -18.40 0.86 4.84
N GLY A 17 -18.94 -0.34 5.04
CA GLY A 17 -20.37 -0.54 4.93
C GLY A 17 -20.75 -1.13 3.59
N LYS A 18 -20.35 -0.45 2.51
CA LYS A 18 -20.65 -0.93 1.16
C LYS A 18 -19.48 -1.75 0.61
N ASN A 19 -19.77 -2.99 0.22
CA ASN A 19 -18.73 -3.88 -0.32
C ASN A 19 -18.40 -3.50 -1.77
N LYS A 20 -17.66 -2.42 -1.94
CA LYS A 20 -17.28 -1.94 -3.26
C LYS A 20 -15.89 -1.31 -3.22
N LEU A 21 -15.29 -1.15 -4.40
CA LEU A 21 -13.96 -0.56 -4.52
C LEU A 21 -13.99 0.73 -5.33
N VAL A 22 -13.28 1.74 -4.84
CA VAL A 22 -13.22 3.05 -5.51
C VAL A 22 -11.77 3.39 -5.89
N PRO A 23 -11.57 3.94 -7.10
CA PRO A 23 -10.23 4.30 -7.58
C PRO A 23 -9.65 5.49 -6.82
N ARG A 24 -8.41 5.33 -6.32
CA ARG A 24 -7.73 6.37 -5.56
C ARG A 24 -6.26 6.48 -5.98
N LEU A 25 -5.69 7.68 -5.82
CA LEU A 25 -4.30 7.92 -6.18
C LEU A 25 -3.41 7.87 -4.94
N LEU A 26 -2.34 7.10 -5.02
CA LEU A 26 -1.40 6.96 -3.89
C LEU A 26 0.01 7.38 -4.30
N GLY A 27 0.56 8.37 -3.59
CA GLY A 27 1.89 8.86 -3.89
C GLY A 27 2.93 8.20 -3.01
N ILE A 28 3.92 7.58 -3.66
CA ILE A 28 5.00 6.91 -2.95
C ILE A 28 6.34 7.58 -3.24
N THR A 29 6.98 8.09 -2.19
CA THR A 29 8.28 8.76 -2.33
C THR A 29 9.37 7.98 -1.59
N LYS A 30 10.60 8.47 -1.64
CA LYS A 30 11.73 7.81 -0.98
C LYS A 30 11.80 8.14 0.52
N GLU A 31 10.82 8.90 1.03
CA GLU A 31 10.79 9.27 2.44
C GLU A 31 9.56 8.73 3.15
N SER A 32 8.38 8.98 2.58
CA SER A 32 7.13 8.53 3.18
C SER A 32 6.05 8.27 2.12
N VAL A 33 5.03 7.51 2.50
CA VAL A 33 3.92 7.19 1.60
C VAL A 33 2.68 7.99 1.99
N MET A 34 2.12 8.72 1.03
CA MET A 34 0.94 9.53 1.28
C MET A 34 -0.22 9.12 0.38
N ARG A 35 -1.44 9.28 0.89
CA ARG A 35 -2.64 8.94 0.15
C ARG A 35 -3.35 10.21 -0.33
N VAL A 36 -3.50 10.34 -1.64
CA VAL A 36 -4.15 11.51 -2.22
C VAL A 36 -5.57 11.18 -2.69
N ASP A 37 -6.50 12.08 -2.41
CA ASP A 37 -7.90 11.90 -2.80
C ASP A 37 -8.05 12.18 -4.30
N GLU A 38 -8.64 11.23 -5.03
CA GLU A 38 -8.84 11.38 -6.47
C GLU A 38 -9.79 12.52 -6.81
N LYS A 39 -10.78 12.78 -5.96
CA LYS A 39 -11.76 13.83 -6.22
C LYS A 39 -11.26 15.23 -5.84
N THR A 40 -10.76 15.37 -4.61
CA THR A 40 -10.26 16.66 -4.11
C THR A 40 -8.79 16.91 -4.48
N LYS A 41 -8.06 15.83 -4.79
CA LYS A 41 -6.64 15.94 -5.13
C LYS A 41 -5.84 16.50 -3.96
N GLU A 42 -6.08 15.96 -2.76
CA GLU A 42 -5.40 16.40 -1.55
C GLU A 42 -4.97 15.21 -0.69
N VAL A 43 -3.85 15.37 0.01
CA VAL A 43 -3.33 14.31 0.87
C VAL A 43 -4.21 14.14 2.11
N ILE A 44 -4.74 12.94 2.30
CA ILE A 44 -5.59 12.63 3.45
C ILE A 44 -4.76 12.14 4.63
N GLN A 45 -4.03 11.05 4.42
CA GLN A 45 -3.18 10.48 5.46
C GLN A 45 -1.90 9.90 4.86
N GLU A 46 -0.79 10.01 5.60
CA GLU A 46 0.49 9.49 5.13
C GLU A 46 1.26 8.79 6.24
N TRP A 47 2.12 7.85 5.85
CA TRP A 47 2.95 7.09 6.80
C TRP A 47 4.41 7.16 6.40
N SER A 48 5.31 7.07 7.38
CA SER A 48 6.75 7.11 7.10
C SER A 48 7.26 5.77 6.60
N LEU A 49 8.31 5.81 5.79
CA LEU A 49 8.92 4.60 5.23
C LEU A 49 9.60 3.77 6.33
N THR A 50 10.23 4.45 7.28
CA THR A 50 10.92 3.78 8.39
C THR A 50 9.94 3.22 9.43
N ASN A 51 8.68 3.64 9.38
CA ASN A 51 7.68 3.17 10.34
C ASN A 51 7.08 1.83 9.92
N ILE A 52 7.20 1.49 8.62
CA ILE A 52 6.67 0.22 8.11
C ILE A 52 7.45 -0.97 8.68
N LYS A 53 6.72 -1.89 9.32
CA LYS A 53 7.33 -3.08 9.90
C LYS A 53 7.50 -4.18 8.85
N ARG A 54 6.40 -4.50 8.16
CA ARG A 54 6.41 -5.51 7.12
C ARG A 54 5.34 -5.23 6.07
N TRP A 55 5.45 -5.88 4.92
CA TRP A 55 4.48 -5.69 3.84
C TRP A 55 4.32 -6.96 3.01
N ALA A 56 3.08 -7.22 2.59
CA ALA A 56 2.78 -8.39 1.77
C ALA A 56 2.20 -7.94 0.43
N ALA A 57 2.77 -8.47 -0.66
CA ALA A 57 2.32 -8.10 -2.00
C ALA A 57 1.67 -9.28 -2.72
N SER A 58 0.39 -9.12 -3.05
CA SER A 58 -0.35 -10.14 -3.77
C SER A 58 -0.56 -9.72 -5.22
N PRO A 59 -0.85 -10.68 -6.11
CA PRO A 59 -1.05 -10.40 -7.54
C PRO A 59 -2.09 -9.31 -7.82
N LYS A 60 -3.16 -9.27 -7.02
CA LYS A 60 -4.22 -8.27 -7.22
C LYS A 60 -4.45 -7.35 -6.01
N SER A 61 -3.88 -7.69 -4.84
CA SER A 61 -4.07 -6.86 -3.65
C SER A 61 -2.78 -6.71 -2.84
N PHE A 62 -2.51 -5.47 -2.41
CA PHE A 62 -1.33 -5.17 -1.61
C PHE A 62 -1.70 -5.04 -0.13
N THR A 63 -0.82 -5.53 0.75
CA THR A 63 -1.05 -5.47 2.20
C THR A 63 0.10 -4.75 2.90
N LEU A 64 -0.24 -3.90 3.87
CA LEU A 64 0.76 -3.14 4.62
C LEU A 64 0.62 -3.40 6.12
N ASP A 65 1.75 -3.42 6.82
CA ASP A 65 1.76 -3.66 8.27
C ASP A 65 2.64 -2.63 8.98
N PHE A 66 2.01 -1.81 9.82
CA PHE A 66 2.73 -0.78 10.58
C PHE A 66 2.99 -1.24 12.02
N GLY A 67 4.15 -0.89 12.55
CA GLY A 67 4.49 -1.28 13.92
C GLY A 67 3.60 -0.61 14.95
N ASP A 68 4.08 0.49 15.52
CA ASP A 68 3.31 1.24 16.52
C ASP A 68 2.81 2.55 15.93
N TYR A 69 1.90 2.44 14.95
CA TYR A 69 1.34 3.62 14.30
C TYR A 69 -0.13 3.40 13.95
N GLN A 70 -0.41 2.37 13.15
CA GLN A 70 -1.78 2.05 12.73
C GLN A 70 -2.35 0.90 13.56
N ASP A 71 -3.55 1.11 14.10
CA ASP A 71 -4.22 0.08 14.92
C ASP A 71 -4.47 -1.17 14.09
N GLY A 72 -5.13 -1.01 12.94
CA GLY A 72 -5.41 -2.12 12.06
C GLY A 72 -4.35 -2.30 10.99
N TYR A 73 -4.77 -2.76 9.81
CA TYR A 73 -3.85 -2.97 8.69
C TYR A 73 -4.43 -2.38 7.41
N TYR A 74 -3.57 -1.77 6.59
CA TYR A 74 -4.00 -1.16 5.33
C TYR A 74 -3.93 -2.18 4.20
N SER A 75 -5.10 -2.56 3.67
CA SER A 75 -5.18 -3.52 2.57
C SER A 75 -6.13 -3.02 1.48
N VAL A 76 -5.61 -2.91 0.26
CA VAL A 76 -6.41 -2.44 -0.87
C VAL A 76 -6.01 -3.15 -2.17
N GLN A 77 -6.85 -3.01 -3.19
CA GLN A 77 -6.59 -3.63 -4.49
C GLN A 77 -5.60 -2.82 -5.32
N THR A 78 -4.42 -3.41 -5.58
CA THR A 78 -3.37 -2.76 -6.35
C THR A 78 -3.21 -3.40 -7.73
N THR A 79 -2.91 -2.57 -8.74
CA THR A 79 -2.70 -3.06 -10.10
C THR A 79 -1.24 -3.47 -10.30
N GLU A 80 -0.33 -2.82 -9.55
CA GLU A 80 1.10 -3.13 -9.63
C GLU A 80 1.68 -3.41 -8.24
N GLY A 81 1.53 -4.65 -7.79
CA GLY A 81 2.05 -5.03 -6.47
C GLY A 81 3.55 -5.20 -6.48
N GLU A 82 4.09 -5.78 -7.56
CA GLU A 82 5.53 -6.00 -7.70
C GLU A 82 6.28 -4.68 -7.81
N GLN A 83 5.74 -3.75 -8.61
CA GLN A 83 6.37 -2.44 -8.80
C GLN A 83 6.44 -1.65 -7.50
N ILE A 84 5.33 -1.65 -6.76
CA ILE A 84 5.26 -0.93 -5.47
C ILE A 84 6.21 -1.55 -4.45
N ALA A 85 6.16 -2.88 -4.32
CA ALA A 85 7.01 -3.59 -3.36
C ALA A 85 8.49 -3.33 -3.62
N GLN A 86 8.90 -3.42 -4.89
CA GLN A 86 10.29 -3.19 -5.27
C GLN A 86 10.73 -1.75 -4.95
N LEU A 87 9.86 -0.79 -5.23
CA LEU A 87 10.14 0.62 -4.97
C LEU A 87 10.40 0.88 -3.49
N ILE A 88 9.55 0.30 -2.63
CA ILE A 88 9.67 0.47 -1.19
C ILE A 88 11.00 -0.12 -0.66
N ALA A 89 11.33 -1.33 -1.11
CA ALA A 89 12.56 -2.00 -0.71
C ALA A 89 13.80 -1.18 -1.06
N GLY A 90 13.82 -0.62 -2.27
CA GLY A 90 14.95 0.17 -2.71
C GLY A 90 15.19 1.40 -1.84
N TYR A 91 14.11 2.09 -1.46
CA TYR A 91 14.21 3.28 -0.62
C TYR A 91 14.85 2.97 0.73
N ILE A 92 14.47 1.84 1.32
CA ILE A 92 14.99 1.42 2.62
C ILE A 92 16.50 1.13 2.54
N ASP A 93 16.93 0.50 1.45
CA ASP A 93 18.33 0.16 1.25
C ASP A 93 19.20 1.42 1.14
N ILE A 94 18.73 2.41 0.41
CA ILE A 94 19.46 3.67 0.22
C ILE A 94 19.70 4.37 1.56
N ILE A 95 18.66 4.42 2.40
CA ILE A 95 18.76 5.06 3.71
C ILE A 95 19.75 4.33 4.61
N LEU A 96 19.68 3.00 4.62
CA LEU A 96 20.57 2.19 5.46
C LEU A 96 22.04 2.38 5.07
N LYS A 97 22.30 2.46 3.76
CA LYS A 97 23.66 2.65 3.26
C LYS A 97 24.20 4.04 3.64
N LYS A 98 23.34 5.05 3.60
CA LYS A 98 23.73 6.41 3.94
C LYS A 98 23.84 6.59 5.45
N LYS A 99 22.81 6.15 6.17
CA LYS A 99 22.79 6.25 7.64
C LYS A 99 22.82 4.85 8.26
N LYS A 100 24.02 4.32 8.45
CA LYS A 100 24.20 2.99 9.03
C LYS A 100 24.53 3.08 10.52
N SER A 101 23.93 2.20 11.32
CA SER A 101 24.16 2.18 12.76
C SER A 101 24.81 0.86 13.18
N LYS B 1 -34.38 -1.69 -12.31
CA LYS B 1 -33.36 -1.79 -11.23
C LYS B 1 -32.12 -2.55 -11.69
N LEU B 2 -30.97 -2.21 -11.10
CA LEU B 2 -29.71 -2.87 -11.44
C LEU B 2 -29.35 -3.92 -10.40
N LEU B 3 -29.05 -5.13 -10.85
CA LEU B 3 -28.70 -6.22 -9.95
C LEU B 3 -27.32 -6.80 -10.26
N ILE B 4 -26.41 -6.71 -9.28
CA ILE B 4 -25.06 -7.24 -9.43
C ILE B 4 -25.12 -8.76 -9.49
N THR B 5 -24.51 -9.33 -10.53
CA THR B 5 -24.50 -10.78 -10.71
C THR B 5 -23.16 -11.25 -11.23
N ILE B 6 -22.40 -11.94 -10.37
CA ILE B 6 -21.09 -12.46 -10.73
C ILE B 6 -20.16 -11.32 -11.18
N HIS B 7 -19.80 -10.45 -10.24
CA HIS B 7 -18.93 -9.31 -10.53
C HIS B 7 -18.39 -8.69 -9.24
N ASP B 8 -19.29 -8.13 -8.43
CA ASP B 8 -18.91 -7.52 -7.17
C ASP B 8 -18.47 -8.58 -6.15
N ARG B 9 -19.20 -9.69 -6.12
CA ARG B 9 -18.89 -10.79 -5.19
C ARG B 9 -17.55 -11.43 -5.54
N LYS B 10 -17.28 -11.57 -6.84
CA LYS B 10 -16.04 -12.17 -7.32
C LYS B 10 -14.86 -11.22 -7.09
N GLU B 11 -15.04 -9.95 -7.45
CA GLU B 11 -13.99 -8.94 -7.31
C GLU B 11 -13.58 -8.77 -5.84
N PHE B 12 -14.58 -8.61 -4.96
CA PHE B 12 -14.30 -8.43 -3.54
C PHE B 12 -13.72 -9.70 -2.91
N ALA B 13 -14.31 -10.86 -3.22
CA ALA B 13 -13.83 -12.13 -2.67
C ALA B 13 -12.36 -12.35 -2.98
N LYS B 14 -12.01 -12.37 -4.28
CA LYS B 14 -10.62 -12.56 -4.69
C LYS B 14 -9.71 -11.57 -3.97
N PHE B 15 -10.15 -10.31 -3.89
CA PHE B 15 -9.40 -9.25 -3.20
C PHE B 15 -8.98 -9.72 -1.81
N GLU B 16 -10.00 -10.06 -1.02
CA GLU B 16 -9.85 -10.51 0.35
C GLU B 16 -9.08 -11.81 0.41
N GLU B 17 -9.61 -12.79 -0.32
CA GLU B 17 -9.01 -14.12 -0.41
C GLU B 17 -7.49 -14.05 -0.60
N GLU B 18 -7.04 -13.14 -1.48
CA GLU B 18 -5.62 -12.98 -1.78
C GLU B 18 -4.84 -12.41 -0.58
N ARG B 19 -5.48 -11.55 0.21
CA ARG B 19 -4.83 -10.95 1.38
C ARG B 19 -4.23 -12.02 2.29
N ALA B 20 -5.03 -13.04 2.60
CA ALA B 20 -4.58 -14.13 3.47
C ALA B 20 -3.51 -14.99 2.79
N ARG B 21 -3.52 -15.03 1.45
CA ARG B 21 -2.55 -15.82 0.69
C ARG B 21 -1.43 -14.93 0.14
N ALA B 22 -0.98 -13.97 0.94
CA ALA B 22 0.09 -13.06 0.53
C ALA B 22 1.33 -13.24 1.41
N LYS B 23 2.50 -13.26 0.78
CA LYS B 23 3.76 -13.43 1.51
C LYS B 23 4.20 -12.13 2.18
N TRP B 24 4.55 -12.21 3.46
CA TRP B 24 5.00 -11.05 4.23
C TRP B 24 6.49 -10.80 4.03
N VAL B 25 6.88 -9.53 4.04
CA VAL B 25 8.28 -9.14 3.87
C VAL B 25 8.70 -8.14 4.93
N SER B 27 11.59 -5.61 6.92
CA SER B 27 12.66 -4.68 6.55
C SER B 27 13.88 -4.85 7.45
N PRO B 28 15.09 -4.61 6.89
CA PRO B 28 16.35 -4.73 7.64
C PRO B 28 16.45 -3.75 8.82
N LEU B 29 15.69 -2.65 8.75
CA LEU B 29 15.71 -1.64 9.80
C LEU B 29 15.30 -2.25 11.15
N HIS B 30 14.31 -3.16 11.12
CA HIS B 30 13.85 -3.82 12.33
C HIS B 30 14.79 -4.94 12.75
N TYR B 31 15.14 -5.81 11.79
CA TYR B 31 16.03 -6.93 12.05
C TYR B 31 17.49 -6.55 11.79
N SER B 32 18.22 -6.25 12.86
CA SER B 32 19.63 -5.87 12.76
C SER B 32 20.53 -6.97 13.32
N ALA B 33 20.20 -8.22 12.99
CA ALA B 33 20.98 -9.37 13.46
C ALA B 33 21.54 -10.18 12.29
N ARG B 34 22.64 -10.89 12.55
CA ARG B 34 23.28 -11.71 11.51
C ARG B 34 22.77 -13.15 11.57
#